data_6KBC
#
_entry.id   6KBC
#
_cell.length_a   75.247
_cell.length_b   75.247
_cell.length_c   189.586
_cell.angle_alpha   90.000
_cell.angle_beta   90.000
_cell.angle_gamma   90.000
#
_symmetry.space_group_name_H-M   'P 43 21 2'
#
loop_
_entity.id
_entity.type
_entity.pdbx_description
1 polymer CghA
2 non-polymer '(2S)-3-[(2S,4E)-4-[[(1R,2S,4aR,6S,8R,8aS)-2-[(E)-but-2-en-2-yl]-6,8-dimethyl-1,2,4a,5,6,7,8,8a-octahydronaphthalen-1-yl]-oxidanyl-methylidene]-3,5-bis(oxidanylidene)pyrrolidin-2-yl]-2-methyl-2-oxidanyl-propanoic acid'
3 water water
#
_entity_poly.entity_id   1
_entity_poly.type   'polypeptide(L)'
_entity_poly.pdbx_seq_one_letter_code
;MAAAPFISLLQGDQFLADTPIPGSAVIPNSGNLFPKWADKLSPTAVETWLFDAMAEDGSAAFTVSFFRDGSQAPASFRAA
INAAWSDGTVWSQHLVVPVSVVTSDGPDVGHGHVAGVWRTEEPQSNDTTRTTASFDVAADLSTTTVVFDAPGRITGSLTH
RSLGYPTLPQSDREAEVAPGAYWFRPIAMANATVDLTFHIDDPTNPDKKTEKRMVLGPEQGAFGGMDRSWLPMVWGKEAT
DALFVRAQAGPYVMAVMRLVSKPHKYYQNTVNAALYRDGKIVSNALRSLPPDRRDTAATADAVRTEKLYDGDGLVAKYRD
KNVGYRLEFRSAGPEREKWSFDLRHHQAWWAKPTSRPGPDGTGNSGFVVEVTGGLVGSEESVHGWGMTGEVELSDGHHHH
HHHHH
;
_entity_poly.pdbx_strand_id   A
#
loop_
_chem_comp.id
_chem_comp.type
_chem_comp.name
_chem_comp.formula
WK1 non-polymer '(2S)-3-[(2S,4E)-4-[[(1R,2S,4aR,6S,8R,8aS)-2-[(E)-but-2-en-2-yl]-6,8-dimethyl-1,2,4a,5,6,7,8,8a-octahydronaphthalen-1-yl]-oxidanyl-methylidene]-3,5-bis(oxidanylidene)pyrrolidin-2-yl]-2-methyl-2-oxidanyl-propanoic acid' 'C25 H35 N O6'
#
# COMPACT_ATOMS: atom_id res chain seq x y z
N PRO A 5 -18.08 -22.70 1.38
CA PRO A 5 -16.99 -21.75 1.15
C PRO A 5 -17.37 -20.65 0.17
N PHE A 6 -17.32 -19.39 0.58
CA PHE A 6 -17.55 -18.30 -0.34
C PHE A 6 -16.46 -18.33 -1.41
N ILE A 7 -16.87 -18.19 -2.67
CA ILE A 7 -15.93 -18.33 -3.78
C ILE A 7 -16.20 -17.21 -4.79
N SER A 8 -15.16 -16.45 -5.10
CA SER A 8 -15.16 -15.51 -6.22
C SER A 8 -14.12 -16.02 -7.21
N LEU A 9 -14.59 -16.57 -8.33
CA LEU A 9 -13.71 -17.17 -9.32
C LEU A 9 -13.88 -16.44 -10.64
N LEU A 10 -12.80 -15.78 -11.07
CA LEU A 10 -12.76 -15.00 -12.30
C LEU A 10 -11.72 -15.62 -13.20
N GLN A 11 -12.17 -16.06 -14.38
CA GLN A 11 -11.38 -16.88 -15.28
C GLN A 11 -11.94 -16.74 -16.69
N GLY A 12 -11.18 -17.20 -17.67
CA GLY A 12 -11.75 -17.17 -18.99
C GLY A 12 -11.83 -15.75 -19.54
N ASP A 13 -12.78 -15.54 -20.45
CA ASP A 13 -12.90 -14.27 -21.16
C ASP A 13 -14.27 -13.63 -21.02
N GLN A 14 -15.10 -14.09 -20.09
CA GLN A 14 -16.41 -13.50 -19.86
C GLN A 14 -16.60 -13.09 -18.41
N PHE A 15 -15.50 -12.76 -17.72
CA PHE A 15 -15.59 -12.37 -16.31
C PHE A 15 -15.99 -10.91 -16.13
N LEU A 16 -15.83 -10.09 -17.16
CA LEU A 16 -16.11 -8.67 -17.06
C LEU A 16 -17.61 -8.40 -17.23
N ALA A 17 -18.13 -7.51 -16.40
CA ALA A 17 -19.51 -7.07 -16.58
C ALA A 17 -19.61 -6.18 -17.83
N ASP A 18 -20.84 -6.03 -18.31
CA ASP A 18 -21.08 -5.22 -19.50
C ASP A 18 -21.01 -3.73 -19.17
N THR A 19 -21.65 -3.32 -18.08
CA THR A 19 -21.62 -1.97 -17.58
C THR A 19 -20.90 -1.94 -16.25
N PRO A 20 -20.41 -0.77 -15.82
CA PRO A 20 -20.02 -0.64 -14.41
C PRO A 20 -21.18 -1.01 -13.50
N ILE A 21 -20.96 -2.02 -12.67
CA ILE A 21 -21.97 -2.51 -11.74
C ILE A 21 -21.49 -2.19 -10.33
N PRO A 22 -22.37 -2.06 -9.34
CA PRO A 22 -21.89 -1.75 -8.00
C PRO A 22 -21.16 -2.92 -7.38
N GLY A 23 -20.20 -2.61 -6.52
CA GLY A 23 -19.60 -3.61 -5.67
C GLY A 23 -20.37 -3.77 -4.38
N SER A 24 -20.14 -4.87 -3.68
CA SER A 24 -20.80 -5.02 -2.40
C SER A 24 -20.27 -3.99 -1.40
N ALA A 25 -20.97 -3.87 -0.28
CA ALA A 25 -20.77 -2.77 0.63
C ALA A 25 -19.57 -2.99 1.55
N VAL A 26 -19.08 -1.90 2.13
CA VAL A 26 -18.11 -1.99 3.21
C VAL A 26 -18.72 -2.76 4.37
N ILE A 27 -17.98 -3.71 4.90
CA ILE A 27 -18.34 -4.41 6.12
C ILE A 27 -17.61 -3.76 7.27
N PRO A 28 -18.29 -3.15 8.23
CA PRO A 28 -17.59 -2.59 9.40
C PRO A 28 -16.84 -3.66 10.17
N ASN A 29 -15.74 -3.24 10.79
CA ASN A 29 -14.92 -4.07 11.66
C ASN A 29 -14.49 -5.37 10.98
N SER A 30 -14.11 -5.27 9.71
CA SER A 30 -13.69 -6.44 8.96
C SER A 30 -12.53 -6.09 8.05
N GLY A 31 -11.67 -7.07 7.81
CA GLY A 31 -10.66 -6.93 6.77
C GLY A 31 -11.25 -6.72 5.39
N ASN A 32 -12.52 -7.09 5.18
CA ASN A 32 -13.17 -6.92 3.88
C ASN A 32 -12.41 -7.64 2.78
N LEU A 33 -11.76 -8.75 3.12
CA LEU A 33 -10.81 -9.37 2.20
C LEU A 33 -11.53 -10.05 1.04
N PHE A 34 -12.77 -10.47 1.22
CA PHE A 34 -13.48 -11.10 0.11
C PHE A 34 -13.82 -10.05 -0.95
N PRO A 35 -13.65 -10.40 -2.23
CA PRO A 35 -13.82 -9.40 -3.29
C PRO A 35 -15.20 -8.73 -3.25
N LYS A 36 -15.21 -7.43 -3.56
CA LYS A 36 -16.45 -6.66 -3.62
C LYS A 36 -17.16 -6.84 -4.95
N TRP A 37 -16.45 -7.29 -5.98
CA TRP A 37 -17.05 -7.72 -7.25
C TRP A 37 -16.87 -9.24 -7.31
N ALA A 38 -17.80 -9.96 -6.66
CA ALA A 38 -17.62 -11.39 -6.43
C ALA A 38 -17.79 -12.21 -7.70
N ASP A 39 -18.81 -11.92 -8.49
CA ASP A 39 -19.15 -12.79 -9.63
C ASP A 39 -18.69 -12.22 -10.96
N LYS A 40 -19.03 -10.97 -11.26
CA LYS A 40 -18.57 -10.28 -12.45
C LYS A 40 -17.77 -9.06 -12.01
N LEU A 41 -16.73 -8.72 -12.76
CA LEU A 41 -15.88 -7.59 -12.41
C LEU A 41 -16.29 -6.38 -13.24
N SER A 42 -16.65 -5.30 -12.56
CA SER A 42 -16.96 -4.05 -13.24
C SER A 42 -15.78 -3.63 -14.11
N PRO A 43 -16.04 -3.11 -15.32
CA PRO A 43 -14.92 -2.71 -16.19
C PRO A 43 -14.21 -1.45 -15.73
N THR A 44 -14.70 -0.76 -14.70
CA THR A 44 -13.99 0.40 -14.16
C THR A 44 -13.55 0.18 -12.72
N ALA A 45 -13.69 -1.04 -12.20
CA ALA A 45 -13.35 -1.29 -10.82
C ALA A 45 -11.93 -1.83 -10.71
N VAL A 46 -11.34 -1.66 -9.53
CA VAL A 46 -10.05 -2.25 -9.22
C VAL A 46 -10.09 -2.71 -7.78
N GLU A 47 -9.67 -3.94 -7.54
CA GLU A 47 -9.51 -4.49 -6.20
C GLU A 47 -8.04 -4.81 -6.01
N THR A 48 -7.54 -4.51 -4.81
CA THR A 48 -6.13 -4.65 -4.49
C THR A 48 -5.98 -5.31 -3.13
N TRP A 49 -5.14 -6.34 -3.08
CA TRP A 49 -4.65 -6.91 -1.84
C TRP A 49 -3.15 -6.72 -1.83
N LEU A 50 -2.65 -5.95 -0.87
CA LEU A 50 -1.23 -5.60 -0.83
C LEU A 50 -0.56 -6.27 0.37
N PHE A 51 0.62 -6.82 0.16
CA PHE A 51 1.41 -7.44 1.22
C PHE A 51 2.85 -6.96 1.05
N ASP A 52 3.48 -6.54 2.14
CA ASP A 52 4.86 -6.08 1.97
C ASP A 52 5.69 -6.48 3.18
N ALA A 53 6.99 -6.21 3.06
CA ALA A 53 7.93 -6.53 4.11
C ALA A 53 9.17 -5.70 3.86
N MET A 54 9.79 -5.20 4.91
CA MET A 54 11.12 -4.66 4.71
C MET A 54 11.96 -4.91 5.94
N ALA A 55 13.27 -4.91 5.73
CA ALA A 55 14.20 -5.08 6.83
C ALA A 55 14.15 -3.86 7.72
N GLU A 56 14.36 -4.06 9.02
CA GLU A 56 14.23 -2.93 9.93
C GLU A 56 15.31 -1.88 9.71
N ASP A 57 16.38 -2.25 9.00
CA ASP A 57 17.47 -1.33 8.68
C ASP A 57 17.47 -0.88 7.23
N GLY A 58 16.38 -1.10 6.50
CA GLY A 58 16.32 -0.70 5.11
C GLY A 58 17.21 -1.50 4.18
N SER A 59 17.74 -2.64 4.61
CA SER A 59 18.64 -3.41 3.75
C SER A 59 17.90 -4.20 2.70
N ALA A 60 16.58 -4.30 2.79
CA ALA A 60 15.79 -5.02 1.81
C ALA A 60 14.35 -4.57 1.95
N ALA A 61 13.61 -4.66 0.85
CA ALA A 61 12.21 -4.29 0.86
C ALA A 61 11.51 -5.11 -0.20
N PHE A 62 10.24 -5.38 0.04
CA PHE A 62 9.49 -6.23 -0.86
C PHE A 62 8.03 -5.82 -0.79
N THR A 63 7.38 -5.78 -1.93
CA THR A 63 5.95 -5.50 -1.92
C THR A 63 5.32 -6.21 -3.11
N VAL A 64 4.13 -6.71 -2.89
CA VAL A 64 3.33 -7.31 -3.96
C VAL A 64 1.92 -6.77 -3.81
N SER A 65 1.32 -6.38 -4.93
CA SER A 65 -0.09 -6.04 -4.96
C SER A 65 -0.76 -7.06 -5.87
N PHE A 66 -1.74 -7.77 -5.32
CA PHE A 66 -2.60 -8.63 -6.11
C PHE A 66 -3.75 -7.80 -6.64
N PHE A 67 -3.85 -7.69 -7.96
CA PHE A 67 -4.80 -6.81 -8.63
C PHE A 67 -5.88 -7.60 -9.35
N ARG A 68 -7.12 -7.13 -9.21
CA ARG A 68 -8.18 -7.35 -10.19
C ARG A 68 -8.56 -5.97 -10.72
N ASP A 69 -8.16 -5.65 -11.94
CA ASP A 69 -8.36 -4.33 -12.53
C ASP A 69 -9.25 -4.49 -13.77
N GLY A 70 -10.52 -4.10 -13.63
CA GLY A 70 -11.45 -4.24 -14.74
C GLY A 70 -11.03 -3.42 -15.95
N SER A 71 -10.51 -2.23 -15.71
CA SER A 71 -10.17 -1.34 -16.82
C SER A 71 -9.01 -1.84 -17.68
N GLN A 72 -8.20 -2.78 -17.20
CA GLN A 72 -7.07 -3.19 -18.00
C GLN A 72 -7.29 -4.59 -18.57
N ALA A 73 -8.54 -5.05 -18.60
CA ALA A 73 -8.91 -6.27 -19.30
C ALA A 73 -8.47 -6.20 -20.76
N PRO A 74 -8.13 -7.35 -21.36
CA PRO A 74 -8.28 -8.71 -20.82
C PRO A 74 -7.32 -9.06 -19.67
N ALA A 75 -6.17 -8.39 -19.60
CA ALA A 75 -5.15 -8.69 -18.60
C ALA A 75 -5.50 -8.05 -17.26
N SER A 76 -6.64 -8.48 -16.70
CA SER A 76 -7.15 -7.85 -15.48
C SER A 76 -6.53 -8.38 -14.21
N PHE A 77 -5.86 -9.53 -14.25
CA PHE A 77 -5.41 -10.21 -13.05
C PHE A 77 -3.89 -10.24 -13.03
N ARG A 78 -3.33 -9.77 -11.92
CA ARG A 78 -1.95 -9.33 -11.94
C ARG A 78 -1.45 -9.31 -10.51
N ALA A 79 -0.28 -9.86 -10.28
CA ALA A 79 0.44 -9.68 -9.01
C ALA A 79 1.62 -8.81 -9.38
N ALA A 80 1.59 -7.56 -8.94
CA ALA A 80 2.67 -6.61 -9.24
C ALA A 80 3.68 -6.69 -8.11
N ILE A 81 4.92 -7.02 -8.45
CA ILE A 81 5.94 -7.33 -7.46
C ILE A 81 7.10 -6.37 -7.59
N ASN A 82 7.59 -5.87 -6.46
CA ASN A 82 8.79 -5.06 -6.44
C ASN A 82 9.67 -5.51 -5.29
N ALA A 83 10.98 -5.56 -5.54
CA ALA A 83 11.93 -6.01 -4.54
C ALA A 83 13.18 -5.16 -4.65
N ALA A 84 13.80 -4.87 -3.50
CA ALA A 84 15.00 -4.05 -3.45
C ALA A 84 15.99 -4.66 -2.46
N TRP A 85 17.27 -4.57 -2.80
CA TRP A 85 18.36 -5.01 -1.92
C TRP A 85 19.28 -3.82 -1.66
N SER A 86 19.87 -3.78 -0.46
CA SER A 86 20.74 -2.67 -0.11
C SER A 86 21.92 -2.52 -1.07
N ASP A 87 22.31 -3.60 -1.77
CA ASP A 87 23.43 -3.50 -2.69
C ASP A 87 23.07 -2.78 -4.00
N GLY A 88 21.83 -2.31 -4.14
CA GLY A 88 21.40 -1.61 -5.33
C GLY A 88 20.50 -2.43 -6.24
N THR A 89 20.49 -3.74 -6.09
CA THR A 89 19.63 -4.57 -6.93
C THR A 89 18.17 -4.23 -6.69
N VAL A 90 17.42 -4.09 -7.79
CA VAL A 90 15.98 -3.98 -7.71
C VAL A 90 15.40 -4.97 -8.71
N TRP A 91 14.19 -5.42 -8.43
CA TRP A 91 13.54 -6.44 -9.22
C TRP A 91 12.05 -6.12 -9.24
N SER A 92 11.52 -5.93 -10.45
CA SER A 92 10.13 -5.54 -10.62
C SER A 92 9.56 -6.34 -11.77
N GLN A 93 8.51 -7.10 -11.50
CA GLN A 93 7.82 -7.80 -12.56
C GLN A 93 6.36 -7.93 -12.18
N HIS A 94 5.52 -8.00 -13.21
CA HIS A 94 4.13 -8.40 -13.06
C HIS A 94 4.00 -9.87 -13.43
N LEU A 95 3.28 -10.61 -12.60
CA LEU A 95 2.81 -11.95 -12.96
C LEU A 95 1.37 -11.76 -13.43
N VAL A 96 1.18 -11.74 -14.74
CA VAL A 96 -0.14 -11.64 -15.33
C VAL A 96 -0.68 -13.05 -15.52
N VAL A 97 -1.87 -13.30 -14.97
CA VAL A 97 -2.43 -14.65 -14.95
C VAL A 97 -3.85 -14.61 -15.48
N PRO A 98 -4.36 -15.74 -15.99
CA PRO A 98 -5.75 -15.79 -16.45
C PRO A 98 -6.79 -16.12 -15.39
N VAL A 99 -6.38 -16.55 -14.20
CA VAL A 99 -7.31 -16.96 -13.15
C VAL A 99 -7.00 -16.19 -11.87
N SER A 100 -8.04 -15.60 -11.28
CA SER A 100 -7.98 -15.05 -9.93
C SER A 100 -9.14 -15.59 -9.14
N VAL A 101 -8.85 -16.34 -8.09
CA VAL A 101 -9.90 -16.89 -7.24
C VAL A 101 -9.62 -16.51 -5.80
N VAL A 102 -10.64 -16.01 -5.11
CA VAL A 102 -10.56 -15.74 -3.69
C VAL A 102 -11.68 -16.50 -2.99
N THR A 103 -11.31 -17.22 -1.95
CA THR A 103 -12.27 -17.98 -1.15
C THR A 103 -12.20 -17.49 0.29
N SER A 104 -13.33 -17.51 0.96
CA SER A 104 -13.40 -17.21 2.39
C SER A 104 -14.10 -18.39 3.06
N ASP A 105 -13.42 -19.01 4.03
CA ASP A 105 -13.92 -20.21 4.70
C ASP A 105 -14.61 -19.81 6.00
N GLY A 106 -15.88 -20.17 6.12
CA GLY A 106 -16.64 -19.89 7.32
C GLY A 106 -17.99 -19.31 6.96
N PRO A 107 -18.90 -19.24 7.92
CA PRO A 107 -20.23 -18.70 7.61
C PRO A 107 -20.24 -17.19 7.40
N ASP A 108 -19.30 -16.46 8.01
CA ASP A 108 -19.27 -14.99 7.99
C ASP A 108 -18.30 -14.50 6.92
N VAL A 109 -18.83 -13.91 5.85
CA VAL A 109 -18.00 -13.52 4.70
C VAL A 109 -17.03 -12.41 5.06
N GLY A 110 -17.23 -11.74 6.21
CA GLY A 110 -16.34 -10.71 6.66
C GLY A 110 -15.30 -11.15 7.66
N HIS A 111 -15.42 -12.37 8.19
CA HIS A 111 -14.49 -12.90 9.17
C HIS A 111 -14.26 -14.39 8.93
N GLY A 112 -13.67 -14.71 7.77
CA GLY A 112 -13.30 -16.07 7.48
C GLY A 112 -11.86 -16.16 7.03
N HIS A 113 -11.34 -17.37 7.03
CA HIS A 113 -10.02 -17.65 6.48
C HIS A 113 -10.06 -17.44 4.97
N VAL A 114 -9.23 -16.51 4.47
CA VAL A 114 -9.26 -16.12 3.07
C VAL A 114 -8.03 -16.66 2.36
N ALA A 115 -8.24 -17.15 1.15
CA ALA A 115 -7.15 -17.59 0.29
C ALA A 115 -7.36 -17.03 -1.10
N GLY A 116 -6.33 -16.41 -1.65
CA GLY A 116 -6.39 -15.87 -2.99
C GLY A 116 -5.36 -16.56 -3.86
N VAL A 117 -5.74 -16.85 -5.11
CA VAL A 117 -4.82 -17.49 -6.04
C VAL A 117 -4.95 -16.84 -7.41
N TRP A 118 -3.91 -16.09 -7.76
CA TRP A 118 -3.55 -15.68 -9.11
C TRP A 118 -2.70 -16.76 -9.76
N ARG A 119 -3.26 -17.44 -10.76
CA ARG A 119 -2.62 -18.63 -11.30
C ARG A 119 -2.98 -18.85 -12.75
N THR A 120 -2.12 -19.60 -13.43
CA THR A 120 -2.44 -20.19 -14.72
C THR A 120 -3.44 -21.33 -14.53
N GLU A 121 -3.92 -21.87 -15.66
CA GLU A 121 -5.03 -22.82 -15.66
C GLU A 121 -4.66 -24.20 -15.13
N ARG A 130 4.15 -21.94 -16.36
CA ARG A 130 3.46 -22.12 -15.06
C ARG A 130 3.64 -20.90 -14.16
N THR A 131 2.54 -20.41 -13.59
CA THR A 131 2.57 -19.26 -12.69
C THR A 131 1.52 -19.42 -11.61
N THR A 132 1.96 -19.43 -10.36
CA THR A 132 1.07 -19.37 -9.21
C THR A 132 1.57 -18.30 -8.26
N ALA A 133 0.67 -17.41 -7.85
CA ALA A 133 0.93 -16.46 -6.79
C ALA A 133 -0.29 -16.46 -5.88
N SER A 134 -0.07 -16.67 -4.60
CA SER A 134 -1.21 -16.90 -3.73
C SER A 134 -1.00 -16.19 -2.41
N PHE A 135 -2.09 -15.80 -1.78
CA PHE A 135 -2.04 -15.29 -0.42
C PHE A 135 -3.06 -16.01 0.43
N ASP A 136 -2.78 -16.02 1.73
CA ASP A 136 -3.62 -16.70 2.71
C ASP A 136 -3.64 -15.84 3.96
N VAL A 137 -4.83 -15.52 4.47
CA VAL A 137 -4.97 -14.70 5.65
C VAL A 137 -5.85 -15.41 6.65
N ALA A 138 -5.38 -15.50 7.90
CA ALA A 138 -6.16 -16.09 8.98
C ALA A 138 -7.47 -15.34 9.16
N ALA A 139 -8.49 -16.07 9.61
CA ALA A 139 -9.79 -15.46 9.88
C ALA A 139 -9.69 -14.38 10.95
N ASP A 140 -8.84 -14.56 11.96
CA ASP A 140 -8.66 -13.51 12.95
C ASP A 140 -7.60 -12.49 12.57
N LEU A 141 -7.14 -12.50 11.32
CA LEU A 141 -6.15 -11.55 10.79
C LEU A 141 -4.82 -11.63 11.55
N SER A 142 -4.54 -12.76 12.19
CA SER A 142 -3.33 -12.82 13.00
C SER A 142 -2.10 -13.11 12.16
N THR A 143 -2.26 -13.72 10.99
CA THR A 143 -1.14 -14.16 10.19
C THR A 143 -1.53 -14.11 8.71
N THR A 144 -0.51 -13.99 7.87
CA THR A 144 -0.67 -14.12 6.44
C THR A 144 0.43 -15.02 5.90
N THR A 145 0.18 -15.58 4.73
CA THR A 145 1.20 -16.26 3.97
C THR A 145 1.02 -15.91 2.51
N VAL A 146 2.10 -15.51 1.86
CA VAL A 146 2.12 -15.24 0.43
C VAL A 146 3.15 -16.17 -0.18
N VAL A 147 2.76 -16.87 -1.23
CA VAL A 147 3.62 -17.88 -1.82
C VAL A 147 3.70 -17.65 -3.32
N PHE A 148 4.91 -17.60 -3.84
CA PHE A 148 5.15 -17.46 -5.27
C PHE A 148 5.71 -18.77 -5.79
N ASP A 149 5.13 -19.24 -6.89
CA ASP A 149 5.64 -20.40 -7.62
C ASP A 149 5.63 -19.99 -9.10
N ALA A 150 6.63 -19.21 -9.48
CA ALA A 150 6.75 -18.71 -10.85
C ALA A 150 8.15 -19.05 -11.35
N PRO A 151 8.39 -20.32 -11.71
CA PRO A 151 9.76 -20.75 -12.03
C PRO A 151 10.38 -19.90 -13.13
N GLY A 152 11.66 -19.59 -12.95
CA GLY A 152 12.35 -18.68 -13.85
C GLY A 152 12.12 -17.21 -13.57
N ARG A 153 11.35 -16.87 -12.52
CA ARG A 153 11.10 -15.49 -12.15
C ARG A 153 11.20 -15.31 -10.64
N ILE A 154 10.26 -15.88 -9.88
CA ILE A 154 10.25 -15.72 -8.43
C ILE A 154 9.62 -16.95 -7.78
N THR A 155 10.27 -17.43 -6.72
CA THR A 155 9.72 -18.51 -5.90
C THR A 155 10.01 -18.22 -4.44
N GLY A 156 9.08 -18.63 -3.59
CA GLY A 156 9.33 -18.50 -2.17
C GLY A 156 8.12 -17.93 -1.49
N SER A 157 8.33 -17.46 -0.27
CA SER A 157 7.21 -17.06 0.56
C SER A 157 7.52 -15.79 1.34
N LEU A 158 6.43 -15.15 1.75
CA LEU A 158 6.36 -14.03 2.68
C LEU A 158 5.36 -14.39 3.73
N THR A 159 5.63 -14.03 4.97
CA THR A 159 4.64 -14.24 6.02
C THR A 159 4.58 -13.03 6.93
N HIS A 160 3.41 -12.81 7.48
CA HIS A 160 3.16 -11.78 8.48
C HIS A 160 2.69 -12.43 9.76
N ARG A 161 3.16 -11.92 10.88
CA ARG A 161 2.64 -12.24 12.21
C ARG A 161 2.16 -10.91 12.76
N SER A 162 0.84 -10.71 12.77
CA SER A 162 0.31 -9.40 13.16
C SER A 162 0.75 -9.04 14.56
N LEU A 163 1.11 -7.77 14.74
CA LEU A 163 1.39 -7.31 16.10
C LEU A 163 0.11 -6.89 16.83
N GLY A 164 -1.05 -7.04 16.18
CA GLY A 164 -2.32 -6.75 16.84
C GLY A 164 -2.64 -5.28 17.02
N TYR A 165 -2.08 -4.41 16.15
CA TYR A 165 -2.39 -3.00 16.22
C TYR A 165 -3.86 -2.77 15.86
N PRO A 166 -4.55 -1.88 16.56
CA PRO A 166 -5.90 -1.51 16.12
C PRO A 166 -5.86 -0.87 14.75
N THR A 167 -6.80 -1.27 13.88
CA THR A 167 -6.72 -0.83 12.49
C THR A 167 -8.02 -0.87 11.72
N LEU A 168 -8.98 -1.72 12.13
CA LEU A 168 -10.05 -2.00 11.19
C LEU A 168 -11.05 -0.83 11.15
N PRO A 169 -11.58 -0.50 9.98
CA PRO A 169 -12.53 0.61 9.90
C PRO A 169 -13.86 0.22 10.51
N GLN A 170 -14.44 1.17 11.25
CA GLN A 170 -15.66 0.94 11.99
C GLN A 170 -16.89 1.45 11.25
N SER A 171 -16.69 1.97 10.04
CA SER A 171 -17.72 2.68 9.28
C SER A 171 -17.20 2.81 7.85
N ASP A 172 -18.12 3.14 6.93
CA ASP A 172 -17.71 3.37 5.55
C ASP A 172 -16.69 4.50 5.47
N ARG A 173 -16.90 5.57 6.25
CA ARG A 173 -16.00 6.72 6.24
C ARG A 173 -14.58 6.32 6.62
N GLU A 174 -14.44 5.45 7.63
CA GLU A 174 -13.12 5.05 8.09
C GLU A 174 -12.40 4.14 7.10
N ALA A 175 -13.12 3.51 6.17
CA ALA A 175 -12.49 2.70 5.16
C ALA A 175 -12.09 3.51 3.92
N GLU A 176 -12.60 4.74 3.81
CA GLU A 176 -12.38 5.53 2.62
C GLU A 176 -10.96 6.06 2.58
N VAL A 177 -10.40 6.12 1.39
CA VAL A 177 -9.23 6.96 1.10
C VAL A 177 -9.63 8.17 0.26
N ALA A 178 -10.84 8.17 -0.27
CA ALA A 178 -11.50 9.29 -0.94
C ALA A 178 -12.98 8.94 -1.02
N PRO A 179 -13.86 9.91 -1.35
CA PRO A 179 -15.29 9.55 -1.44
C PRO A 179 -15.55 8.35 -2.34
N GLY A 180 -16.15 7.30 -1.76
CA GLY A 180 -16.47 6.10 -2.52
C GLY A 180 -15.28 5.30 -3.00
N ALA A 181 -14.08 5.56 -2.46
CA ALA A 181 -12.88 4.82 -2.80
C ALA A 181 -12.23 4.36 -1.49
N TYR A 182 -11.80 3.11 -1.44
CA TYR A 182 -11.42 2.49 -0.16
C TYR A 182 -10.00 2.00 -0.21
N TRP A 183 -9.24 2.36 0.83
CA TRP A 183 -7.92 1.82 1.07
C TRP A 183 -7.70 1.88 2.57
N PHE A 184 -7.48 0.73 3.19
CA PHE A 184 -7.19 0.72 4.61
C PHE A 184 -6.35 -0.53 4.88
N ARG A 185 -6.08 -0.80 6.14
CA ARG A 185 -5.05 -1.78 6.49
C ARG A 185 -5.63 -2.88 7.36
N PRO A 186 -6.00 -4.01 6.77
CA PRO A 186 -6.46 -5.14 7.60
C PRO A 186 -5.42 -5.58 8.62
N ILE A 187 -4.14 -5.51 8.29
CA ILE A 187 -3.08 -5.69 9.27
C ILE A 187 -2.15 -4.50 9.17
N ALA A 188 -2.18 -3.65 10.21
CA ALA A 188 -1.42 -2.40 10.20
C ALA A 188 0.07 -2.67 10.33
N MET A 189 0.44 -3.65 11.15
CA MET A 189 1.85 -3.87 11.47
C MET A 189 2.06 -5.34 11.81
N ALA A 190 3.08 -5.95 11.21
CA ALA A 190 3.35 -7.36 11.43
C ALA A 190 4.85 -7.59 11.47
N ASN A 191 5.28 -8.57 12.27
CA ASN A 191 6.58 -9.18 12.04
C ASN A 191 6.53 -9.88 10.70
N ALA A 192 7.51 -9.59 9.86
CA ALA A 192 7.52 -10.14 8.52
C ALA A 192 8.69 -11.10 8.38
N THR A 193 8.45 -12.20 7.67
CA THR A 193 9.55 -13.03 7.21
C THR A 193 9.48 -13.10 5.70
N VAL A 194 10.65 -13.25 5.09
CA VAL A 194 10.77 -13.41 3.66
C VAL A 194 11.77 -14.52 3.39
N ASP A 195 11.45 -15.38 2.42
CA ASP A 195 12.42 -16.38 1.99
C ASP A 195 12.13 -16.59 0.51
N LEU A 196 12.80 -15.79 -0.31
CA LEU A 196 12.43 -15.64 -1.70
C LEU A 196 13.66 -15.85 -2.57
N THR A 197 13.43 -16.36 -3.77
CA THR A 197 14.48 -16.49 -4.77
C THR A 197 14.02 -15.82 -6.04
N PHE A 198 14.83 -14.87 -6.52
CA PHE A 198 14.54 -14.09 -7.72
C PHE A 198 15.53 -14.46 -8.81
N HIS A 199 15.04 -14.58 -10.03
CA HIS A 199 15.91 -14.82 -11.17
C HIS A 199 16.23 -13.48 -11.83
N ILE A 200 17.51 -13.14 -11.86
CA ILE A 200 17.96 -11.85 -12.44
C ILE A 200 18.44 -12.09 -13.86
N ASP A 201 17.92 -11.33 -14.83
CA ASP A 201 18.35 -11.47 -16.24
C ASP A 201 19.84 -11.10 -16.35
N LYS A 209 21.97 -18.13 -16.10
CA LYS A 209 20.84 -17.37 -15.59
C LYS A 209 20.94 -17.30 -14.05
N THR A 210 21.01 -16.07 -13.54
CA THR A 210 21.42 -15.82 -12.16
C THR A 210 20.22 -15.76 -11.22
N GLU A 211 20.45 -16.22 -10.00
CA GLU A 211 19.45 -16.20 -8.93
C GLU A 211 19.94 -15.33 -7.78
N LYS A 212 18.99 -14.66 -7.12
CA LYS A 212 19.31 -13.83 -5.98
C LYS A 212 18.31 -14.12 -4.89
N ARG A 213 18.80 -14.19 -3.65
CA ARG A 213 17.96 -14.53 -2.51
C ARG A 213 17.61 -13.27 -1.73
N MET A 214 16.42 -13.29 -1.14
CA MET A 214 16.06 -12.32 -0.12
C MET A 214 15.51 -13.10 1.06
N VAL A 215 16.22 -13.02 2.19
CA VAL A 215 15.89 -13.79 3.38
C VAL A 215 15.79 -12.83 4.55
N LEU A 216 14.63 -12.79 5.18
CA LEU A 216 14.45 -12.03 6.40
C LEU A 216 13.79 -12.98 7.39
N GLY A 217 14.52 -13.36 8.43
CA GLY A 217 14.06 -14.35 9.37
C GLY A 217 13.16 -13.76 10.43
N PRO A 218 12.50 -14.64 11.19
CA PRO A 218 11.46 -14.19 12.10
C PRO A 218 11.95 -13.33 13.24
N GLU A 219 13.25 -13.29 13.48
CA GLU A 219 13.79 -12.56 14.66
C GLU A 219 14.65 -11.37 14.21
N GLN A 220 14.56 -11.00 12.94
CA GLN A 220 15.39 -9.92 12.43
C GLN A 220 14.69 -8.57 12.47
N GLY A 221 13.48 -8.49 13.03
CA GLY A 221 12.82 -7.20 13.12
C GLY A 221 12.25 -6.71 11.81
N ALA A 222 12.17 -7.56 10.79
CA ALA A 222 11.56 -7.15 9.53
C ALA A 222 10.06 -6.99 9.73
N PHE A 223 9.48 -6.00 9.05
CA PHE A 223 8.11 -5.63 9.33
C PHE A 223 7.38 -5.34 8.02
N GLY A 224 6.06 -5.35 8.12
CA GLY A 224 5.26 -5.09 6.95
C GLY A 224 3.80 -5.10 7.36
N GLY A 225 2.94 -5.00 6.36
CA GLY A 225 1.52 -4.99 6.64
C GLY A 225 0.73 -5.52 5.48
N MET A 226 -0.57 -5.59 5.68
CA MET A 226 -1.50 -6.05 4.63
C MET A 226 -2.48 -4.90 4.40
N ASP A 227 -2.55 -4.42 3.18
CA ASP A 227 -3.44 -3.30 2.80
C ASP A 227 -4.53 -3.84 1.87
N ARG A 228 -5.71 -3.28 1.99
CA ARG A 228 -6.85 -3.74 1.21
C ARG A 228 -7.53 -2.53 0.60
N SER A 229 -7.82 -2.62 -0.69
CA SER A 229 -8.39 -1.49 -1.41
C SER A 229 -9.40 -2.00 -2.43
N TRP A 230 -10.41 -1.17 -2.68
CA TRP A 230 -11.25 -1.36 -3.86
C TRP A 230 -11.89 -0.03 -4.24
N LEU A 231 -12.06 0.16 -5.55
CA LEU A 231 -12.61 1.37 -6.14
C LEU A 231 -13.51 0.95 -7.30
N PRO A 232 -14.69 1.54 -7.44
CA PRO A 232 -15.54 1.25 -8.60
C PRO A 232 -15.27 2.13 -9.81
N MET A 233 -14.28 3.03 -9.68
CA MET A 233 -13.89 3.97 -10.75
C MET A 233 -12.40 3.87 -11.00
N VAL A 234 -11.96 4.20 -12.21
CA VAL A 234 -10.53 4.09 -12.48
C VAL A 234 -9.89 5.26 -11.75
N TRP A 235 -8.91 4.96 -10.90
CA TRP A 235 -8.46 5.99 -9.97
C TRP A 235 -7.57 7.01 -10.66
N GLY A 236 -6.90 6.60 -11.73
CA GLY A 236 -6.04 7.51 -12.46
C GLY A 236 -6.77 8.73 -13.00
N LYS A 237 -8.04 8.57 -13.35
CA LYS A 237 -8.82 9.70 -13.84
C LYS A 237 -9.28 10.62 -12.73
N GLU A 238 -9.08 10.24 -11.47
CA GLU A 238 -9.55 11.02 -10.35
C GLU A 238 -8.43 11.73 -9.57
N ALA A 239 -7.16 11.34 -9.76
CA ALA A 239 -6.08 11.82 -8.91
C ALA A 239 -4.96 12.44 -9.73
N THR A 240 -4.25 13.39 -9.12
CA THR A 240 -2.97 13.87 -9.65
C THR A 240 -1.79 13.41 -8.82
N ASP A 241 -2.04 12.84 -7.64
CA ASP A 241 -0.97 12.48 -6.73
C ASP A 241 -1.45 11.37 -5.82
N ALA A 242 -0.61 10.36 -5.64
CA ALA A 242 -0.90 9.29 -4.69
C ALA A 242 0.39 9.03 -3.92
N LEU A 243 0.29 8.95 -2.60
CA LEU A 243 1.45 8.67 -1.76
C LEU A 243 1.15 7.49 -0.86
N PHE A 244 1.88 6.40 -1.05
CA PHE A 244 1.90 5.27 -0.11
C PHE A 244 3.10 5.43 0.82
N VAL A 245 2.88 5.21 2.12
CA VAL A 245 3.99 5.18 3.08
C VAL A 245 3.80 4.01 4.02
N ARG A 246 4.88 3.29 4.30
CA ARG A 246 4.95 2.47 5.51
C ARG A 246 6.33 2.65 6.09
N ALA A 247 6.41 3.06 7.36
CA ALA A 247 7.69 3.37 7.95
C ALA A 247 7.66 3.04 9.43
N GLN A 248 8.83 2.72 9.96
CA GLN A 248 9.01 2.49 11.40
C GLN A 248 10.25 3.25 11.85
N ALA A 249 10.12 3.99 12.94
CA ALA A 249 11.25 4.75 13.50
C ALA A 249 11.08 4.75 15.01
N GLY A 250 11.98 4.07 15.72
CA GLY A 250 11.86 3.96 17.15
C GLY A 250 10.53 3.31 17.52
N PRO A 251 9.80 3.93 18.45
CA PRO A 251 8.48 3.38 18.82
C PRO A 251 7.39 3.65 17.81
N TYR A 252 7.66 4.41 16.74
CA TYR A 252 6.62 4.89 15.84
C TYR A 252 6.48 3.97 14.65
N VAL A 253 5.24 3.65 14.30
CA VAL A 253 4.92 2.98 13.05
C VAL A 253 3.88 3.85 12.34
N MET A 254 4.13 4.13 11.08
CA MET A 254 3.25 5.02 10.32
C MET A 254 2.93 4.41 8.97
N ALA A 255 1.68 4.56 8.55
CA ALA A 255 1.24 4.01 7.28
C ALA A 255 0.27 5.01 6.67
N VAL A 256 0.42 5.25 5.38
CA VAL A 256 -0.27 6.36 4.74
C VAL A 256 -0.73 5.92 3.36
N MET A 257 -1.95 6.31 3.01
CA MET A 257 -2.38 6.33 1.61
C MET A 257 -3.05 7.69 1.45
N ARG A 258 -2.35 8.63 0.78
CA ARG A 258 -2.85 9.99 0.58
C ARG A 258 -3.10 10.23 -0.91
N LEU A 259 -4.28 10.77 -1.26
CA LEU A 259 -4.62 11.10 -2.63
C LEU A 259 -4.86 12.60 -2.75
N VAL A 260 -4.39 13.16 -3.85
CA VAL A 260 -4.76 14.50 -4.27
C VAL A 260 -5.49 14.40 -5.60
N SER A 261 -6.69 14.97 -5.67
CA SER A 261 -7.55 14.76 -6.84
C SER A 261 -7.04 15.54 -8.06
N LYS A 262 -7.77 15.36 -9.17
CA LYS A 262 -7.60 16.18 -10.36
C LYS A 262 -8.08 17.61 -10.08
N PRO A 263 -7.66 18.58 -10.92
CA PRO A 263 -8.19 19.95 -10.77
C PRO A 263 -9.69 20.07 -10.95
N HIS A 264 -10.36 19.14 -11.64
CA HIS A 264 -11.81 19.28 -11.78
C HIS A 264 -12.52 19.11 -10.46
N LYS A 265 -11.86 18.52 -9.46
CA LYS A 265 -12.38 18.55 -8.09
C LYS A 265 -11.53 19.40 -7.17
N TYR A 266 -10.71 20.30 -7.74
CA TYR A 266 -10.03 21.34 -6.97
C TYR A 266 -8.98 20.75 -6.03
N TYR A 267 -8.30 19.70 -6.49
CA TYR A 267 -7.20 19.07 -5.77
C TYR A 267 -7.63 18.67 -4.36
N GLN A 268 -8.80 18.06 -4.28
CA GLN A 268 -9.24 17.47 -3.02
C GLN A 268 -8.12 16.64 -2.43
N ASN A 269 -7.91 16.81 -1.13
CA ASN A 269 -6.79 16.22 -0.38
C ASN A 269 -7.40 15.21 0.56
N THR A 270 -7.18 13.91 0.29
CA THR A 270 -7.77 12.86 1.10
C THR A 270 -6.71 11.86 1.53
N VAL A 271 -6.99 11.14 2.62
CA VAL A 271 -5.99 10.26 3.19
C VAL A 271 -6.65 9.21 4.08
N ASN A 272 -6.06 8.03 4.09
CA ASN A 272 -6.33 7.05 5.13
C ASN A 272 -4.97 6.67 5.70
N ALA A 273 -4.70 7.10 6.93
CA ALA A 273 -3.37 6.99 7.49
C ALA A 273 -3.46 6.73 8.98
N ALA A 274 -2.35 6.26 9.53
CA ALA A 274 -2.33 5.97 10.95
C ALA A 274 -0.92 6.12 11.46
N LEU A 275 -0.78 6.67 12.67
CA LEU A 275 0.47 6.68 13.39
C LEU A 275 0.28 5.91 14.68
N TYR A 276 1.20 5.01 14.97
CA TYR A 276 1.19 4.25 16.20
C TYR A 276 2.45 4.58 16.97
N ARG A 277 2.35 4.54 18.30
CA ARG A 277 3.52 4.62 19.16
C ARG A 277 3.47 3.41 20.09
N ASP A 278 4.47 2.54 19.98
CA ASP A 278 4.49 1.27 20.70
C ASP A 278 3.18 0.51 20.53
N GLY A 279 2.64 0.54 19.32
CA GLY A 279 1.47 -0.24 19.00
C GLY A 279 0.15 0.38 19.39
N LYS A 280 0.15 1.50 20.09
CA LYS A 280 -1.08 2.22 20.39
C LYS A 280 -1.31 3.26 19.28
N ILE A 281 -2.53 3.33 18.75
CA ILE A 281 -2.81 4.31 17.70
C ILE A 281 -2.85 5.70 18.33
N VAL A 282 -2.02 6.61 17.83
CA VAL A 282 -1.96 7.94 18.40
C VAL A 282 -2.44 9.00 17.42
N SER A 283 -2.57 8.66 16.14
CA SER A 283 -3.27 9.51 15.18
C SER A 283 -4.02 8.60 14.22
N ASN A 284 -5.35 8.63 14.27
CA ASN A 284 -6.19 7.95 13.29
C ASN A 284 -6.52 8.97 12.21
N ALA A 285 -5.63 9.10 11.24
CA ALA A 285 -5.60 10.27 10.37
C ALA A 285 -6.43 9.99 9.12
N LEU A 286 -7.67 10.46 9.14
CA LEU A 286 -8.55 10.38 7.98
C LEU A 286 -8.75 11.75 7.35
N ARG A 287 -7.96 12.72 7.79
CA ARG A 287 -7.99 14.09 7.28
C ARG A 287 -6.60 14.46 6.81
N SER A 288 -6.49 14.97 5.58
CA SER A 288 -5.21 15.34 4.98
C SER A 288 -5.14 16.86 4.89
N LEU A 289 -4.11 17.47 5.52
CA LEU A 289 -4.05 18.92 5.63
C LEU A 289 -3.29 19.54 4.47
N PRO A 290 -3.61 20.80 4.16
CA PRO A 290 -2.82 21.55 3.17
C PRO A 290 -1.34 21.49 3.52
N PRO A 291 -0.50 21.13 2.55
CA PRO A 291 0.93 20.88 2.84
C PRO A 291 1.68 22.07 3.40
N ASP A 292 1.20 23.32 3.21
CA ASP A 292 1.93 24.48 3.69
C ASP A 292 1.46 24.97 5.04
N ARG A 293 0.59 24.23 5.71
CA ARG A 293 0.22 24.54 7.08
C ARG A 293 1.22 23.84 8.01
N ARG A 294 1.44 24.44 9.19
CA ARG A 294 2.26 23.78 10.20
C ARG A 294 1.80 24.23 11.57
N ASP A 295 0.52 24.50 11.67
CA ASP A 295 -0.10 25.12 12.82
C ASP A 295 -0.44 24.06 13.86
N THR A 296 -1.14 24.47 14.92
CA THR A 296 -1.52 23.55 15.98
C THR A 296 -2.99 23.22 16.00
N ALA A 297 -3.79 23.70 15.05
CA ALA A 297 -5.20 23.38 15.09
C ALA A 297 -5.39 21.88 14.97
N ALA A 298 -6.37 21.36 15.72
CA ALA A 298 -6.64 19.94 15.64
C ALA A 298 -8.06 19.65 16.10
N THR A 299 -9.05 19.83 15.24
CA THR A 299 -10.40 19.39 15.54
C THR A 299 -10.64 17.94 15.19
N ALA A 300 -9.66 17.29 14.56
CA ALA A 300 -9.69 15.85 14.31
C ALA A 300 -8.26 15.40 14.10
N ASP A 301 -8.03 14.11 14.30
CA ASP A 301 -6.75 13.53 13.95
C ASP A 301 -6.49 13.80 12.46
N ALA A 302 -5.25 14.08 12.12
CA ALA A 302 -4.98 14.44 10.75
C ALA A 302 -3.52 14.16 10.44
N VAL A 303 -3.22 14.08 9.15
CA VAL A 303 -1.84 14.02 8.71
C VAL A 303 -1.66 15.04 7.61
N ARG A 304 -0.50 15.70 7.61
CA ARG A 304 -0.09 16.57 6.53
C ARG A 304 1.07 15.90 5.81
N THR A 305 0.95 15.74 4.50
CA THR A 305 2.02 15.21 3.67
C THR A 305 2.61 16.38 2.86
N GLU A 306 3.91 16.60 2.97
CA GLU A 306 4.52 17.73 2.27
C GLU A 306 5.76 17.26 1.52
N LYS A 307 5.77 17.48 0.21
CA LYS A 307 6.95 17.17 -0.57
C LYS A 307 8.14 17.99 -0.07
N LEU A 308 9.28 17.32 0.12
CA LEU A 308 10.52 17.95 0.57
C LEU A 308 11.43 18.14 -0.63
N TYR A 309 12.03 19.33 -0.75
CA TYR A 309 12.97 19.61 -1.83
C TYR A 309 14.36 19.94 -1.33
N ASP A 310 14.52 20.25 -0.05
CA ASP A 310 15.79 20.67 0.52
C ASP A 310 16.36 19.55 1.39
N GLY A 311 17.68 19.53 1.53
CA GLY A 311 18.35 18.55 2.38
C GLY A 311 18.66 17.26 1.63
N ASP A 312 19.05 16.25 2.42
CA ASP A 312 19.49 14.99 1.85
C ASP A 312 18.33 14.21 1.26
N GLY A 313 18.66 13.30 0.35
CA GLY A 313 17.69 12.44 -0.28
C GLY A 313 17.87 12.41 -1.78
N LEU A 314 17.71 11.23 -2.37
CA LEU A 314 17.67 11.12 -3.82
C LEU A 314 16.52 11.96 -4.38
N VAL A 315 16.78 12.61 -5.51
CA VAL A 315 15.78 13.44 -6.17
C VAL A 315 14.94 12.56 -7.09
N ALA A 316 13.61 12.60 -6.92
CA ALA A 316 12.75 11.88 -7.85
C ALA A 316 12.89 12.46 -9.26
N LYS A 317 12.49 11.67 -10.27
CA LYS A 317 12.89 11.87 -11.64
C LYS A 317 11.81 12.48 -12.51
N TYR A 318 10.57 12.54 -12.03
CA TYR A 318 9.47 12.85 -12.93
C TYR A 318 8.90 14.22 -12.62
N ARG A 319 7.60 14.34 -12.35
CA ARG A 319 7.02 15.67 -12.22
C ARG A 319 7.65 16.44 -11.06
N ASP A 320 7.68 15.84 -9.89
CA ASP A 320 8.18 16.50 -8.69
C ASP A 320 9.58 16.01 -8.42
N LYS A 321 10.50 16.95 -8.31
CA LYS A 321 11.90 16.66 -8.05
C LYS A 321 12.16 16.62 -6.54
N ASN A 322 11.35 15.84 -5.81
CA ASN A 322 11.42 15.87 -4.36
C ASN A 322 12.48 14.90 -3.82
N VAL A 323 13.07 15.27 -2.68
CA VAL A 323 14.04 14.39 -2.04
C VAL A 323 13.39 13.53 -0.99
N GLY A 324 12.09 13.67 -0.79
CA GLY A 324 11.39 12.90 0.23
C GLY A 324 10.08 13.57 0.57
N TYR A 325 9.52 13.15 1.69
CA TYR A 325 8.25 13.68 2.15
C TYR A 325 8.36 13.96 3.63
N ARG A 326 7.72 15.03 4.08
CA ARG A 326 7.49 15.26 5.49
C ARG A 326 6.08 14.77 5.82
N LEU A 327 5.96 14.02 6.90
CA LEU A 327 4.67 13.58 7.45
C LEU A 327 4.50 14.22 8.81
N GLU A 328 3.46 15.03 8.95
CA GLU A 328 3.13 15.64 10.23
C GLU A 328 1.80 15.08 10.68
N PHE A 329 1.81 14.28 11.74
CA PHE A 329 0.58 13.74 12.29
C PHE A 329 0.09 14.62 13.42
N ARG A 330 -1.22 14.80 13.51
CA ARG A 330 -1.81 15.54 14.61
C ARG A 330 -2.80 14.65 15.34
N SER A 331 -2.85 14.81 16.65
CA SER A 331 -3.85 14.15 17.47
C SER A 331 -4.84 15.19 17.99
N ALA A 332 -6.13 14.93 17.82
CA ALA A 332 -7.17 15.72 18.49
C ALA A 332 -7.44 15.24 19.91
N GLY A 333 -6.58 14.35 20.42
CA GLY A 333 -6.64 13.92 21.79
C GLY A 333 -6.31 15.06 22.73
N PRO A 334 -6.56 14.86 24.03
CA PRO A 334 -6.43 15.96 24.99
C PRO A 334 -5.05 16.55 25.09
N GLU A 335 -4.01 15.78 24.79
CA GLU A 335 -2.65 16.32 24.88
C GLU A 335 -2.25 17.09 23.64
N ARG A 336 -3.03 17.01 22.57
CA ARG A 336 -2.78 17.80 21.35
C ARG A 336 -1.36 17.59 20.85
N GLU A 337 -0.97 16.33 20.73
CA GLU A 337 0.36 16.02 20.28
C GLU A 337 0.45 16.14 18.77
N LYS A 338 1.62 16.54 18.31
CA LYS A 338 2.00 16.51 16.90
C LYS A 338 3.30 15.74 16.78
N TRP A 339 3.38 14.91 15.75
CA TRP A 339 4.61 14.24 15.42
C TRP A 339 4.99 14.62 14.00
N SER A 340 6.27 14.86 13.77
CA SER A 340 6.75 15.21 12.44
C SER A 340 7.89 14.28 12.08
N PHE A 341 7.83 13.70 10.88
CA PHE A 341 8.87 12.82 10.40
C PHE A 341 9.29 13.25 9.02
N ASP A 342 10.58 13.20 8.78
CA ASP A 342 11.10 13.39 7.44
C ASP A 342 11.45 12.01 6.88
N LEU A 343 10.92 11.72 5.71
CA LEU A 343 11.16 10.46 5.04
C LEU A 343 11.97 10.80 3.80
N ARG A 344 13.27 10.55 3.84
CA ARG A 344 14.14 11.01 2.77
C ARG A 344 14.54 9.84 1.90
N HIS A 345 14.48 10.06 0.58
CA HIS A 345 14.75 9.03 -0.40
C HIS A 345 16.18 8.50 -0.23
N HIS A 346 16.29 7.22 0.14
CA HIS A 346 17.57 6.59 0.36
C HIS A 346 17.98 5.69 -0.79
N GLN A 347 17.05 4.91 -1.33
CA GLN A 347 17.35 4.02 -2.43
C GLN A 347 16.22 4.10 -3.42
N ALA A 348 16.58 4.29 -4.68
CA ALA A 348 15.60 4.28 -5.77
C ALA A 348 15.16 2.85 -6.03
N TRP A 349 13.89 2.57 -5.78
CA TRP A 349 13.39 1.21 -5.84
C TRP A 349 12.78 0.90 -7.20
N TRP A 350 11.78 1.68 -7.61
CA TRP A 350 11.23 1.60 -8.94
C TRP A 350 10.96 3.01 -9.43
N ALA A 351 10.86 3.15 -10.75
CA ALA A 351 10.57 4.44 -11.36
C ALA A 351 10.04 4.16 -12.74
N LYS A 352 8.79 4.52 -13.00
CA LYS A 352 8.23 4.32 -14.32
C LYS A 352 7.34 5.49 -14.68
N PRO A 353 7.28 5.85 -15.97
CA PRO A 353 6.41 6.95 -16.39
C PRO A 353 4.95 6.60 -16.23
N THR A 354 4.14 7.62 -15.90
CA THR A 354 2.69 7.48 -15.93
C THR A 354 2.08 8.36 -17.00
N SER A 355 2.90 8.91 -17.88
CA SER A 355 2.46 9.69 -19.02
C SER A 355 3.60 9.68 -20.02
N ARG A 356 3.31 10.19 -21.22
CA ARG A 356 4.38 10.49 -22.16
C ARG A 356 5.33 11.51 -21.56
N PRO A 357 6.63 11.46 -21.93
CA PRO A 357 7.61 12.37 -21.32
C PRO A 357 7.43 13.81 -21.76
N GLY A 358 8.23 14.72 -21.19
CA GLY A 358 8.14 16.12 -21.53
C GLY A 358 7.76 16.98 -20.34
N PRO A 359 7.44 18.26 -20.59
CA PRO A 359 7.20 19.21 -19.49
C PRO A 359 6.02 18.85 -18.63
N ASP A 360 5.07 18.08 -19.15
CA ASP A 360 3.92 17.63 -18.36
C ASP A 360 4.13 16.23 -17.80
N GLY A 361 5.34 15.68 -17.95
CA GLY A 361 5.55 14.27 -17.65
C GLY A 361 5.38 13.97 -16.17
N THR A 362 4.85 12.79 -15.89
CA THR A 362 4.60 12.34 -14.53
C THR A 362 5.10 10.92 -14.39
N GLY A 363 5.21 10.47 -13.15
CA GLY A 363 5.80 9.17 -12.94
C GLY A 363 5.30 8.53 -11.67
N ASN A 364 5.77 7.31 -11.47
CA ASN A 364 5.41 6.43 -10.36
C ASN A 364 6.74 5.92 -9.82
N SER A 365 7.12 6.37 -8.63
CA SER A 365 8.44 6.11 -8.10
C SER A 365 8.29 5.47 -6.72
N GLY A 366 9.07 4.43 -6.49
CA GLY A 366 9.15 3.79 -5.19
C GLY A 366 10.53 4.04 -4.61
N PHE A 367 10.58 4.20 -3.30
CA PHE A 367 11.83 4.46 -2.59
C PHE A 367 11.84 3.70 -1.29
N VAL A 368 13.03 3.25 -0.91
CA VAL A 368 13.32 3.01 0.51
C VAL A 368 13.71 4.34 1.11
N VAL A 369 13.10 4.70 2.24
CA VAL A 369 13.34 6.02 2.81
C VAL A 369 14.00 5.85 4.16
N GLU A 370 14.89 6.79 4.48
CA GLU A 370 15.38 6.93 5.85
C GLU A 370 14.45 7.89 6.59
N VAL A 371 14.12 7.54 7.82
CA VAL A 371 13.08 8.24 8.59
C VAL A 371 13.71 8.87 9.82
N THR A 372 13.43 10.14 10.05
CA THR A 372 13.87 10.88 11.23
C THR A 372 12.72 11.71 11.76
N GLY A 373 12.71 11.96 13.07
CA GLY A 373 11.76 12.90 13.65
C GLY A 373 11.21 12.48 14.99
N GLY A 374 9.94 12.77 15.26
CA GLY A 374 9.36 12.40 16.53
C GLY A 374 8.38 13.45 16.99
N LEU A 375 8.11 13.43 18.31
CA LEU A 375 7.12 14.31 18.92
C LEU A 375 7.56 15.77 18.83
N VAL A 376 6.72 16.60 18.22
CA VAL A 376 7.02 18.02 18.09
C VAL A 376 7.04 18.65 19.48
N GLY A 377 7.99 19.58 19.69
CA GLY A 377 8.14 20.24 20.97
C GLY A 377 8.90 19.44 22.00
N SER A 378 9.52 18.33 21.60
CA SER A 378 10.26 17.48 22.51
C SER A 378 11.68 17.31 21.98
N GLU A 379 12.50 16.68 22.80
CA GLU A 379 13.87 16.35 22.42
C GLU A 379 13.95 15.09 21.58
N GLU A 380 12.82 14.44 21.33
CA GLU A 380 12.81 13.17 20.64
C GLU A 380 13.36 13.30 19.22
N SER A 381 14.24 12.39 18.85
CA SER A 381 14.80 12.34 17.51
C SER A 381 15.02 10.87 17.18
N VAL A 382 13.99 10.24 16.61
CA VAL A 382 14.05 8.80 16.34
C VAL A 382 14.62 8.58 14.95
N HIS A 383 15.02 7.34 14.65
CA HIS A 383 15.63 7.01 13.37
C HIS A 383 15.08 5.68 12.90
N GLY A 384 14.74 5.60 11.63
CA GLY A 384 14.21 4.36 11.13
C GLY A 384 14.18 4.34 9.63
N TRP A 385 13.36 3.44 9.12
CA TRP A 385 13.35 3.08 7.71
C TRP A 385 11.92 2.83 7.27
N GLY A 386 11.68 2.98 5.99
CA GLY A 386 10.35 2.74 5.48
C GLY A 386 10.39 2.69 3.97
N MET A 387 9.20 2.66 3.39
CA MET A 387 9.11 2.72 1.95
C MET A 387 8.07 3.76 1.59
N THR A 388 8.23 4.37 0.42
CA THR A 388 7.21 5.23 -0.12
C THR A 388 6.93 4.83 -1.56
N GLY A 389 5.68 5.00 -1.96
CA GLY A 389 5.30 4.88 -3.34
C GLY A 389 4.70 6.21 -3.70
N GLU A 390 5.29 6.89 -4.68
CA GLU A 390 4.99 8.30 -4.96
C GLU A 390 4.52 8.36 -6.40
N VAL A 391 3.21 8.52 -6.60
CA VAL A 391 2.60 8.44 -7.91
C VAL A 391 2.11 9.81 -8.33
N GLU A 392 2.41 10.17 -9.56
CA GLU A 392 2.09 11.45 -10.15
C GLU A 392 1.18 11.15 -11.35
N LEU A 393 0.13 11.94 -11.53
CA LEU A 393 -0.72 11.76 -12.70
C LEU A 393 -1.02 13.11 -13.31
N SER A 394 -1.39 13.07 -14.58
CA SER A 394 -1.59 14.30 -15.33
C SER A 394 -2.70 15.14 -14.71
N ASP A 395 -2.55 16.47 -14.82
CA ASP A 395 -3.61 17.37 -14.38
C ASP A 395 -4.86 17.31 -15.28
N GLY A 396 -4.73 16.80 -16.50
CA GLY A 396 -5.88 16.57 -17.35
C GLY A 396 -6.26 17.80 -18.16
N HIS A 397 -7.08 17.57 -19.19
CA HIS A 397 -7.55 18.65 -20.04
C HIS A 397 -8.51 19.56 -19.27
O WK1 B . 3.95 -1.89 -11.61
C17 WK1 B . 4.23 -1.88 -10.44
O1 WK1 B . 4.97 -2.67 -9.95
C19 WK1 B . 3.66 -0.83 -9.55
O2 WK1 B . 2.94 0.12 -10.25
C18 WK1 B . 4.79 -0.10 -8.91
C20 WK1 B . 2.76 -1.61 -8.63
C22 WK1 B . 2.41 -0.81 -7.44
N WK1 B . 1.70 -1.48 -6.37
C21 WK1 B . 0.69 -0.71 -5.97
O5 WK1 B . -0.10 -1.06 -4.98
C23 WK1 B . 1.63 0.38 -7.65
O4 WK1 B . 1.87 1.32 -8.54
C24 WK1 B . 0.54 0.54 -6.74
C16 WK1 B . -0.39 1.65 -6.65
O3 WK1 B . -0.24 2.61 -7.48
C9 WK1 B . -1.39 1.71 -5.57
C8 WK1 B . -0.53 2.35 -4.44
C12 WK1 B . 0.92 1.92 -4.28
C13 WK1 B . 1.28 0.98 -3.42
C90 WK1 B . 2.71 0.57 -3.29
C14 WK1 B . 1.98 2.55 -5.10
C7 WK1 B . -0.48 3.84 -4.55
C6 WK1 B . -1.60 4.50 -4.65
C3 WK1 B . -2.84 3.71 -4.91
C4 WK1 B . -2.62 2.56 -5.87
C5 WK1 B . -3.86 1.70 -5.82
C11 WK1 B . -3.80 0.64 -6.87
C2 WK1 B . -4.08 4.50 -5.25
C1 WK1 B . -5.21 3.59 -4.93
C10 WK1 B . -6.57 4.22 -4.98
C WK1 B . -5.17 2.45 -5.90
#